data_7HRO
#
_entry.id   7HRO
#
_cell.length_a   99.496
_cell.length_b   99.510
_cell.length_c   128.850
_cell.angle_alpha   90.00
_cell.angle_beta   90.00
_cell.angle_gamma   90.00
#
_symmetry.space_group_name_H-M   'I 2 2 2'
#
loop_
_entity.id
_entity.type
_entity.pdbx_description
1 polymer 'Oleoyl-acyl carrier protein thioesterase 1, chloroplastic'
2 non-polymer '3-pyrrol-1-ylthiophene-2-carboxylic acid'
3 non-polymer 'SULFATE ION'
4 water water
#
_entity_poly.entity_id   1
_entity_poly.type   'polypeptide(L)'
_entity_poly.pdbx_seq_one_letter_code
;MGSLTEDGLSYKEKFVVRSYEVGSNKTATVETIANLLQEVGCNHAQSVGFSTDGFATTTTMRKLHLIWVTARMHIEIYKY
PAWGDVVEIETWCQSEGRIGTRRDWILKDSVTGEVTGRATSKWVMMNQDTRRLQKVSDDVRDEYLVFCPQEPRLAFPEEN
NRSLKKIPKLEDPAQYSMIGLKPRRADLDMNQHVNNVTYIGWVLESIPQEIVDTHELQVITLDYRRECQQDDVVDSLTTT
TSEIGGTNGSATSGTQGHNDSQFLHLLRLSGDGQEINRGTTLWRKKPSSHHHHHH
;
_entity_poly.pdbx_strand_id   A,B
#
loop_
_chem_comp.id
_chem_comp.type
_chem_comp.name
_chem_comp.formula
6XI non-polymer '3-pyrrol-1-ylthiophene-2-carboxylic acid' 'C9 H7 N O2 S'
SO4 non-polymer 'SULFATE ION' 'O4 S -2'
#
# COMPACT_ATOMS: atom_id res chain seq x y z
N GLY A 2 10.67 -0.51 -17.19
CA GLY A 2 11.66 -1.53 -16.89
C GLY A 2 12.11 -2.31 -18.10
N SER A 3 13.30 -2.94 -18.00
CA SER A 3 13.81 -3.75 -19.09
C SER A 3 14.93 -4.68 -18.68
N LEU A 4 15.09 -5.82 -19.39
CA LEU A 4 16.20 -6.74 -19.18
C LEU A 4 17.48 -6.05 -19.66
N THR A 5 18.60 -6.33 -19.03
CA THR A 5 19.88 -5.75 -19.42
C THR A 5 20.33 -6.33 -20.78
N GLU A 6 21.45 -5.87 -21.33
CA GLU A 6 21.91 -6.32 -22.65
C GLU A 6 22.12 -7.82 -22.73
N ASP A 7 22.61 -8.43 -21.64
CA ASP A 7 22.85 -9.86 -21.65
C ASP A 7 21.56 -10.72 -21.42
N GLY A 8 20.45 -10.07 -21.07
CA GLY A 8 19.19 -10.77 -20.78
C GLY A 8 19.26 -11.67 -19.55
N LEU A 9 20.25 -11.43 -18.66
CA LEU A 9 20.46 -12.24 -17.45
C LEU A 9 20.05 -11.53 -16.14
N SER A 10 19.58 -10.28 -16.22
CA SER A 10 19.08 -9.50 -15.09
C SER A 10 18.06 -8.43 -15.59
N TYR A 11 17.31 -7.79 -14.67
CA TYR A 11 16.27 -6.83 -15.02
C TYR A 11 16.37 -5.54 -14.23
N LYS A 12 16.26 -4.39 -14.91
CA LYS A 12 16.29 -3.09 -14.24
C LYS A 12 15.00 -2.32 -14.38
N GLU A 13 14.65 -1.54 -13.33
CA GLU A 13 13.44 -0.71 -13.33
C GLU A 13 13.61 0.50 -12.42
N LYS A 14 13.10 1.68 -12.85
CA LYS A 14 13.16 2.91 -12.06
C LYS A 14 11.79 3.18 -11.45
N PHE A 15 11.79 3.72 -10.23
CA PHE A 15 10.58 4.01 -9.48
C PHE A 15 10.66 5.39 -8.85
N VAL A 16 9.60 6.21 -9.00
CA VAL A 16 9.58 7.50 -8.33
C VAL A 16 8.87 7.28 -6.99
N VAL A 17 9.50 7.66 -5.87
CA VAL A 17 8.90 7.48 -4.54
C VAL A 17 7.63 8.36 -4.37
N ARG A 18 6.49 7.73 -4.01
CA ARG A 18 5.20 8.40 -3.86
C ARG A 18 4.94 8.98 -2.46
N SER A 19 4.07 9.98 -2.42
CA SER A 19 3.69 10.70 -1.19
C SER A 19 3.17 9.80 -0.09
N TYR A 20 2.29 8.84 -0.43
CA TYR A 20 1.73 7.88 0.54
C TYR A 20 2.71 6.72 0.88
N GLU A 21 3.83 6.61 0.16
CA GLU A 21 4.82 5.55 0.35
C GLU A 21 5.86 5.89 1.45
N VAL A 22 5.83 7.14 2.00
CA VAL A 22 6.85 7.57 2.95
C VAL A 22 6.37 7.64 4.41
N GLY A 23 7.32 7.45 5.34
CA GLY A 23 7.07 7.54 6.78
C GLY A 23 7.29 8.94 7.35
N SER A 24 7.46 9.02 8.67
N SER A 24 7.45 9.04 8.68
N SER A 24 7.46 9.02 8.67
CA SER A 24 7.66 10.27 9.43
CA SER A 24 7.63 10.30 9.40
CA SER A 24 7.66 10.27 9.43
C SER A 24 8.88 11.07 8.99
C SER A 24 8.89 11.08 8.99
C SER A 24 8.88 11.07 8.99
N ASN A 25 9.93 10.38 8.54
CA ASN A 25 11.16 11.04 8.09
C ASN A 25 11.11 11.49 6.59
N LYS A 26 9.92 11.40 5.95
CA LYS A 26 9.66 11.77 4.56
C LYS A 26 10.51 10.95 3.57
N THR A 27 10.88 9.72 3.97
CA THR A 27 11.59 8.75 3.16
C THR A 27 10.78 7.41 3.11
N ALA A 28 10.95 6.62 2.05
CA ALA A 28 10.24 5.37 1.81
C ALA A 28 10.35 4.40 2.99
N THR A 29 9.25 3.74 3.36
CA THR A 29 9.29 2.77 4.44
C THR A 29 9.99 1.48 3.95
N VAL A 30 10.38 0.57 4.87
CA VAL A 30 10.96 -0.71 4.45
C VAL A 30 9.88 -1.58 3.75
N GLU A 31 8.59 -1.39 4.09
CA GLU A 31 7.49 -2.12 3.44
C GLU A 31 7.27 -1.60 2.03
N THR A 32 7.45 -0.27 1.80
CA THR A 32 7.37 0.26 0.44
C THR A 32 8.50 -0.35 -0.43
N ILE A 33 9.72 -0.38 0.14
CA ILE A 33 10.87 -1.00 -0.53
C ILE A 33 10.58 -2.46 -0.86
N ALA A 34 10.14 -3.24 0.13
CA ALA A 34 9.82 -4.65 -0.09
C ALA A 34 8.74 -4.88 -1.17
N ASN A 35 7.78 -3.94 -1.32
CA ASN A 35 6.76 -3.97 -2.37
C ASN A 35 7.40 -3.68 -3.74
N LEU A 36 8.39 -2.74 -3.80
CA LEU A 36 9.11 -2.41 -5.02
C LEU A 36 9.95 -3.63 -5.47
N LEU A 37 10.51 -4.42 -4.52
CA LEU A 37 11.21 -5.67 -4.81
C LEU A 37 10.23 -6.66 -5.44
N GLN A 38 8.96 -6.75 -4.94
CA GLN A 38 7.96 -7.62 -5.55
C GLN A 38 7.69 -7.16 -6.99
N GLU A 39 7.40 -5.85 -7.21
CA GLU A 39 7.10 -5.32 -8.52
C GLU A 39 8.24 -5.57 -9.54
N VAL A 40 9.52 -5.31 -9.18
CA VAL A 40 10.60 -5.55 -10.13
C VAL A 40 10.78 -7.08 -10.36
N GLY A 41 10.52 -7.90 -9.33
CA GLY A 41 10.59 -9.35 -9.45
C GLY A 41 9.56 -9.89 -10.43
N CYS A 42 8.29 -9.47 -10.30
CA CYS A 42 7.23 -9.88 -11.20
C CYS A 42 7.47 -9.42 -12.63
N ASN A 43 7.97 -8.19 -12.82
CA ASN A 43 8.27 -7.68 -14.18
C ASN A 43 9.43 -8.48 -14.84
N HIS A 44 10.41 -8.95 -14.06
CA HIS A 44 11.51 -9.75 -14.60
C HIS A 44 10.95 -11.09 -15.12
N ALA A 45 10.10 -11.78 -14.31
CA ALA A 45 9.48 -13.06 -14.68
C ALA A 45 8.62 -12.97 -15.95
N GLN A 46 7.86 -11.88 -16.09
CA GLN A 46 6.95 -11.61 -17.21
C GLN A 46 7.73 -11.34 -18.50
N SER A 47 8.83 -10.60 -18.38
N SER A 47 8.83 -10.59 -18.39
N SER A 47 8.83 -10.60 -18.38
CA SER A 47 9.69 -10.25 -19.50
CA SER A 47 9.65 -10.26 -19.54
CA SER A 47 9.69 -10.25 -19.50
C SER A 47 10.45 -11.44 -20.10
C SER A 47 10.41 -11.46 -20.14
C SER A 47 10.45 -11.44 -20.10
N VAL A 48 10.42 -12.61 -19.44
CA VAL A 48 11.13 -13.79 -19.93
C VAL A 48 10.22 -15.01 -20.16
N GLY A 49 8.91 -14.81 -20.16
CA GLY A 49 7.98 -15.91 -20.43
C GLY A 49 7.19 -16.48 -19.27
N PHE A 50 7.59 -16.22 -18.03
CA PHE A 50 6.87 -16.75 -16.88
C PHE A 50 5.56 -16.01 -16.61
N SER A 51 4.71 -16.62 -15.77
CA SER A 51 3.42 -16.06 -15.38
C SER A 51 2.92 -16.85 -14.18
N ALA A 56 6.65 -17.14 -10.39
CA ALA A 56 7.16 -17.47 -11.71
C ALA A 56 7.18 -18.98 -11.89
N THR A 57 6.02 -19.57 -12.22
CA THR A 57 5.90 -21.01 -12.42
C THR A 57 6.30 -21.38 -13.85
N THR A 58 7.06 -22.47 -14.01
CA THR A 58 7.44 -22.95 -15.34
C THR A 58 6.26 -23.80 -15.93
N THR A 59 6.39 -24.27 -17.18
CA THR A 59 5.35 -25.10 -17.80
C THR A 59 5.14 -26.39 -17.01
N THR A 60 6.24 -26.99 -16.53
CA THR A 60 6.22 -28.21 -15.74
C THR A 60 5.69 -27.97 -14.31
N MET A 61 5.99 -26.81 -13.69
CA MET A 61 5.48 -26.53 -12.35
C MET A 61 3.96 -26.41 -12.39
N ARG A 62 3.42 -25.73 -13.38
CA ARG A 62 1.98 -25.54 -13.58
C ARG A 62 1.26 -26.88 -13.80
N LYS A 63 1.92 -27.79 -14.54
CA LYS A 63 1.43 -29.13 -14.82
C LYS A 63 1.39 -29.98 -13.53
N LEU A 64 2.38 -29.77 -12.64
CA LEU A 64 2.45 -30.55 -11.41
C LEU A 64 1.84 -29.87 -10.19
N HIS A 65 1.18 -28.70 -10.36
CA HIS A 65 0.63 -27.91 -9.26
C HIS A 65 1.73 -27.48 -8.26
N LEU A 66 2.91 -27.12 -8.79
CA LEU A 66 4.04 -26.70 -7.98
C LEU A 66 4.18 -25.19 -8.03
N ILE A 67 4.55 -24.57 -6.89
CA ILE A 67 4.77 -23.14 -6.76
C ILE A 67 6.12 -22.82 -6.07
N TRP A 68 6.62 -21.60 -6.27
CA TRP A 68 7.82 -21.14 -5.60
C TRP A 68 7.34 -20.39 -4.34
N VAL A 69 7.90 -20.70 -3.17
CA VAL A 69 7.51 -20.04 -1.93
C VAL A 69 8.74 -19.38 -1.24
N THR A 70 8.57 -18.21 -0.57
CA THR A 70 9.70 -17.56 0.11
C THR A 70 10.03 -18.27 1.45
N ALA A 71 11.28 -18.66 1.62
CA ALA A 71 11.74 -19.25 2.88
C ALA A 71 12.40 -18.14 3.71
N ARG A 72 13.15 -17.22 3.06
CA ARG A 72 13.84 -16.15 3.75
C ARG A 72 13.94 -14.92 2.88
N MET A 73 13.84 -13.73 3.51
CA MET A 73 14.03 -12.41 2.92
C MET A 73 15.05 -11.65 3.81
N HIS A 74 16.11 -11.12 3.20
CA HIS A 74 17.13 -10.37 3.92
C HIS A 74 17.29 -9.01 3.20
N ILE A 75 16.95 -7.90 3.87
CA ILE A 75 17.06 -6.55 3.28
C ILE A 75 18.03 -5.69 4.10
N GLU A 76 18.95 -5.00 3.42
CA GLU A 76 19.86 -4.09 4.09
C GLU A 76 19.79 -2.74 3.37
N ILE A 77 19.35 -1.67 4.07
CA ILE A 77 19.22 -0.32 3.51
C ILE A 77 20.25 0.68 4.09
N TYR A 78 21.05 1.35 3.23
CA TYR A 78 22.02 2.36 3.69
C TYR A 78 21.38 3.74 3.70
N LYS A 79 20.53 4.04 2.69
CA LYS A 79 19.81 5.29 2.57
C LYS A 79 18.43 5.04 1.99
N TYR A 80 17.38 5.37 2.75
CA TYR A 80 16.01 5.23 2.26
C TYR A 80 15.74 6.40 1.31
N PRO A 81 15.18 6.15 0.11
CA PRO A 81 14.94 7.27 -0.82
C PRO A 81 13.85 8.24 -0.36
N ALA A 82 14.03 9.50 -0.63
CA ALA A 82 13.08 10.54 -0.26
C ALA A 82 11.89 10.60 -1.24
N TRP A 83 10.78 11.17 -0.78
CA TRP A 83 9.59 11.41 -1.58
C TRP A 83 9.93 12.28 -2.80
N GLY A 84 9.68 11.74 -3.98
CA GLY A 84 10.02 12.41 -5.22
C GLY A 84 11.31 11.90 -5.85
N ASP A 85 12.16 11.22 -5.06
CA ASP A 85 13.42 10.69 -5.60
C ASP A 85 13.16 9.50 -6.52
N VAL A 86 14.11 9.23 -7.42
CA VAL A 86 13.99 8.08 -8.30
C VAL A 86 14.98 7.02 -7.84
N VAL A 87 14.50 5.79 -7.60
CA VAL A 87 15.35 4.69 -7.20
C VAL A 87 15.41 3.65 -8.34
N GLU A 88 16.61 3.18 -8.71
CA GLU A 88 16.73 2.15 -9.75
C GLU A 88 17.05 0.81 -9.09
N ILE A 89 16.28 -0.22 -9.40
CA ILE A 89 16.48 -1.54 -8.84
C ILE A 89 16.89 -2.58 -9.89
N GLU A 90 17.96 -3.34 -9.62
CA GLU A 90 18.38 -4.41 -10.53
C GLU A 90 18.20 -5.76 -9.86
N THR A 91 17.55 -6.70 -10.57
CA THR A 91 17.27 -8.01 -9.98
C THR A 91 17.67 -9.16 -10.89
N TRP A 92 18.01 -10.28 -10.29
CA TRP A 92 18.37 -11.47 -11.03
C TRP A 92 18.10 -12.73 -10.19
N CYS A 93 17.93 -13.90 -10.82
CA CYS A 93 17.76 -15.16 -10.07
C CYS A 93 18.96 -16.04 -10.26
N GLN A 94 19.10 -17.05 -9.41
CA GLN A 94 20.18 -18.01 -9.51
C GLN A 94 19.80 -19.33 -8.88
N SER A 95 20.20 -20.44 -9.51
CA SER A 95 19.90 -21.75 -8.99
C SER A 95 20.80 -22.09 -7.80
N GLU A 96 20.28 -22.82 -6.82
CA GLU A 96 21.06 -23.27 -5.67
C GLU A 96 20.94 -24.79 -5.55
N GLY A 97 21.12 -25.47 -6.67
CA GLY A 97 21.00 -26.92 -6.72
C GLY A 97 19.56 -27.37 -6.64
N ARG A 98 19.34 -28.43 -5.88
CA ARG A 98 18.02 -29.01 -5.71
C ARG A 98 17.20 -28.38 -4.57
N ILE A 99 17.87 -27.65 -3.67
CA ILE A 99 17.20 -27.03 -2.55
C ILE A 99 16.18 -25.98 -3.04
N GLY A 100 16.59 -25.16 -4.00
CA GLY A 100 15.73 -24.15 -4.58
C GLY A 100 16.51 -23.09 -5.34
N THR A 101 15.95 -21.87 -5.40
CA THR A 101 16.51 -20.73 -6.09
C THR A 101 16.70 -19.53 -5.14
N ARG A 102 17.49 -18.55 -5.58
CA ARG A 102 17.78 -17.32 -4.87
C ARG A 102 17.45 -16.15 -5.79
N ARG A 103 16.83 -15.09 -5.26
CA ARG A 103 16.61 -13.89 -6.03
C ARG A 103 17.28 -12.75 -5.27
N ASP A 104 18.16 -11.99 -5.96
CA ASP A 104 18.88 -10.87 -5.37
C ASP A 104 18.50 -9.53 -6.00
N TRP A 105 18.71 -8.46 -5.25
CA TRP A 105 18.43 -7.10 -5.71
C TRP A 105 19.54 -6.14 -5.27
N ILE A 106 19.79 -5.11 -6.07
CA ILE A 106 20.68 -3.99 -5.80
C ILE A 106 19.80 -2.75 -5.96
N LEU A 107 19.81 -1.85 -4.97
CA LEU A 107 19.05 -0.60 -5.04
C LEU A 107 20.05 0.55 -5.22
N LYS A 108 19.78 1.46 -6.17
CA LYS A 108 20.68 2.58 -6.41
C LYS A 108 19.97 3.93 -6.50
N ASP A 109 20.75 5.00 -6.24
CA ASP A 109 20.31 6.38 -6.42
C ASP A 109 20.45 6.62 -7.93
N SER A 110 19.37 7.04 -8.60
CA SER A 110 19.41 7.28 -10.03
C SER A 110 20.32 8.44 -10.39
N VAL A 111 20.36 9.48 -9.55
CA VAL A 111 21.17 10.67 -9.80
C VAL A 111 22.67 10.43 -9.58
N THR A 112 23.03 9.71 -8.51
CA THR A 112 24.46 9.52 -8.19
C THR A 112 25.05 8.19 -8.68
N GLY A 113 24.21 7.17 -8.85
CA GLY A 113 24.66 5.84 -9.22
C GLY A 113 25.17 5.01 -8.05
N GLU A 114 25.11 5.56 -6.82
CA GLU A 114 25.59 4.90 -5.61
C GLU A 114 24.58 3.87 -5.11
N VAL A 115 25.10 2.78 -4.51
CA VAL A 115 24.25 1.73 -3.95
C VAL A 115 23.66 2.18 -2.61
N THR A 116 22.34 2.32 -2.56
CA THR A 116 21.62 2.75 -1.37
C THR A 116 20.96 1.60 -0.56
N GLY A 117 21.00 0.38 -1.09
CA GLY A 117 20.43 -0.78 -0.46
C GLY A 117 20.64 -2.06 -1.25
N ARG A 118 20.46 -3.21 -0.63
CA ARG A 118 20.57 -4.50 -1.31
C ARG A 118 19.73 -5.56 -0.59
N ALA A 119 19.34 -6.59 -1.32
CA ALA A 119 18.50 -7.63 -0.76
C ALA A 119 18.75 -8.99 -1.38
N THR A 120 18.47 -10.02 -0.60
CA THR A 120 18.61 -11.39 -1.04
C THR A 120 17.46 -12.20 -0.45
N SER A 121 16.84 -13.03 -1.28
CA SER A 121 15.74 -13.87 -0.86
C SER A 121 15.99 -15.34 -1.29
N LYS A 122 15.58 -16.32 -0.47
CA LYS A 122 15.72 -17.75 -0.73
C LYS A 122 14.34 -18.38 -0.91
N TRP A 123 14.17 -19.13 -2.01
CA TRP A 123 12.92 -19.73 -2.43
C TRP A 123 13.01 -21.24 -2.56
N VAL A 124 11.97 -21.95 -2.13
CA VAL A 124 11.86 -23.41 -2.21
C VAL A 124 10.58 -23.80 -2.98
N MET A 125 10.52 -25.02 -3.49
CA MET A 125 9.36 -25.49 -4.23
C MET A 125 8.38 -26.22 -3.32
N MET A 126 7.09 -25.97 -3.52
CA MET A 126 6.04 -26.56 -2.70
C MET A 126 4.86 -26.98 -3.58
N ASN A 127 4.18 -28.07 -3.22
CA ASN A 127 2.98 -28.47 -3.92
C ASN A 127 1.90 -27.52 -3.38
N GLN A 128 1.25 -26.80 -4.29
CA GLN A 128 0.22 -25.81 -3.98
C GLN A 128 -0.91 -26.33 -3.08
N ASP A 129 -1.36 -27.57 -3.31
CA ASP A 129 -2.48 -28.19 -2.58
C ASP A 129 -2.05 -28.83 -1.25
N THR A 130 -1.11 -29.78 -1.29
CA THR A 130 -0.68 -30.46 -0.07
C THR A 130 0.23 -29.63 0.83
N ARG A 131 0.76 -28.49 0.32
CA ARG A 131 1.71 -27.64 1.02
C ARG A 131 3.04 -28.40 1.33
N ARG A 132 3.32 -29.49 0.59
CA ARG A 132 4.51 -30.30 0.84
C ARG A 132 5.68 -29.84 0.03
N LEU A 133 6.81 -29.66 0.70
CA LEU A 133 8.02 -29.22 0.01
C LEU A 133 8.65 -30.35 -0.79
N GLN A 134 9.43 -29.99 -1.79
CA GLN A 134 10.13 -30.96 -2.61
C GLN A 134 11.34 -30.34 -3.28
N LYS A 135 12.35 -31.17 -3.50
CA LYS A 135 13.58 -30.74 -4.15
C LYS A 135 13.28 -30.55 -5.65
N VAL A 136 13.88 -29.53 -6.26
CA VAL A 136 13.63 -29.20 -7.65
C VAL A 136 14.04 -30.33 -8.62
N SER A 137 13.13 -30.74 -9.52
CA SER A 137 13.40 -31.80 -10.50
C SER A 137 14.22 -31.24 -11.68
N ASP A 138 15.07 -32.06 -12.30
CA ASP A 138 15.90 -31.62 -13.44
C ASP A 138 15.07 -31.06 -14.60
N ASP A 139 13.87 -31.62 -14.85
CA ASP A 139 13.00 -31.13 -15.92
C ASP A 139 12.58 -29.67 -15.65
N VAL A 140 12.29 -29.32 -14.37
CA VAL A 140 11.92 -27.96 -13.97
C VAL A 140 13.16 -27.07 -14.00
N ARG A 141 14.26 -27.55 -13.42
CA ARG A 141 15.54 -26.86 -13.35
C ARG A 141 16.05 -26.37 -14.72
N ASP A 142 16.03 -27.24 -15.73
CA ASP A 142 16.52 -26.87 -17.07
C ASP A 142 15.65 -25.80 -17.75
N GLU A 143 14.38 -25.70 -17.38
CA GLU A 143 13.46 -24.70 -17.90
C GLU A 143 13.88 -23.26 -17.55
N TYR A 144 14.34 -23.02 -16.30
CA TYR A 144 14.69 -21.67 -15.90
C TYR A 144 16.20 -21.35 -15.83
N LEU A 145 17.08 -22.34 -15.97
CA LEU A 145 18.52 -22.10 -15.91
C LEU A 145 19.07 -21.16 -16.99
N VAL A 146 18.35 -21.04 -18.11
CA VAL A 146 18.74 -20.19 -19.24
C VAL A 146 18.51 -18.68 -19.00
N PHE A 147 17.80 -18.32 -17.91
CA PHE A 147 17.48 -16.95 -17.51
C PHE A 147 18.34 -16.45 -16.31
N CYS A 148 19.17 -17.33 -15.73
CA CYS A 148 20.06 -17.06 -14.59
C CYS A 148 21.52 -16.95 -15.07
N PRO A 149 22.38 -16.14 -14.42
CA PRO A 149 23.81 -16.15 -14.81
C PRO A 149 24.44 -17.51 -14.41
N GLN A 150 25.43 -17.97 -15.17
CA GLN A 150 26.06 -19.26 -14.88
C GLN A 150 27.16 -19.15 -13.82
N GLU A 151 27.86 -18.00 -13.78
CA GLU A 151 28.84 -17.74 -12.73
C GLU A 151 28.10 -17.13 -11.53
N PRO A 152 28.58 -17.38 -10.29
CA PRO A 152 27.87 -16.81 -9.12
C PRO A 152 27.87 -15.29 -9.13
N ARG A 153 26.71 -14.71 -8.89
CA ARG A 153 26.53 -13.26 -8.83
C ARG A 153 25.74 -13.01 -7.53
N LEU A 154 26.43 -12.55 -6.49
CA LEU A 154 25.84 -12.38 -5.18
C LEU A 154 25.66 -10.97 -4.73
N ALA A 155 24.45 -10.59 -4.33
CA ALA A 155 24.22 -9.27 -3.72
C ALA A 155 24.99 -9.16 -2.39
N PHE A 156 25.17 -10.28 -1.68
CA PHE A 156 25.91 -10.31 -0.42
C PHE A 156 27.05 -11.32 -0.53
N PRO A 157 28.19 -10.94 -1.15
CA PRO A 157 29.27 -11.91 -1.31
C PRO A 157 30.13 -12.16 -0.07
N GLU A 158 30.37 -11.12 0.77
CA GLU A 158 31.19 -11.15 2.00
C GLU A 158 31.45 -12.53 2.63
N GLU A 159 32.70 -12.79 3.06
CA GLU A 159 33.11 -14.07 3.68
C GLU A 159 32.18 -14.48 4.82
N ASN A 160 31.77 -13.51 5.63
CA ASN A 160 30.85 -13.76 6.74
C ASN A 160 29.74 -12.71 6.67
N ASN A 161 28.62 -13.06 6.02
CA ASN A 161 27.50 -12.13 5.86
C ASN A 161 26.25 -12.52 6.69
N ARG A 162 25.44 -11.51 7.06
CA ARG A 162 24.24 -11.61 7.90
C ARG A 162 23.05 -12.36 7.26
N SER A 163 23.09 -12.52 5.93
CA SER A 163 22.00 -13.18 5.19
C SER A 163 21.91 -14.68 5.38
N LEU A 164 22.97 -15.31 5.89
CA LEU A 164 23.01 -16.78 6.06
C LEU A 164 23.07 -17.23 7.54
N LYS A 165 22.87 -16.29 8.48
CA LYS A 165 22.93 -16.60 9.91
C LYS A 165 21.69 -17.39 10.33
N LYS A 166 21.84 -18.33 11.28
CA LYS A 166 20.71 -19.11 11.77
C LYS A 166 19.92 -18.27 12.79
N ILE A 167 18.59 -18.21 12.70
CA ILE A 167 17.79 -17.39 13.64
C ILE A 167 17.18 -18.24 14.76
N PRO A 168 17.47 -17.91 16.04
CA PRO A 168 16.91 -18.69 17.13
C PRO A 168 15.45 -18.34 17.51
N LYS A 169 14.80 -19.19 18.31
CA LYS A 169 13.43 -18.97 18.71
C LYS A 169 13.34 -18.17 20.02
N LEU A 170 12.57 -17.08 19.98
CA LEU A 170 12.36 -16.16 21.10
C LEU A 170 11.77 -16.89 22.31
N GLU A 171 12.35 -16.63 23.48
CA GLU A 171 11.89 -17.25 24.72
C GLU A 171 10.83 -16.39 25.37
N ASP A 172 9.75 -17.00 25.86
CA ASP A 172 8.74 -16.28 26.62
C ASP A 172 9.29 -16.07 28.05
N PRO A 173 9.04 -14.91 28.70
CA PRO A 173 8.30 -13.76 28.19
C PRO A 173 9.09 -12.85 27.26
N ALA A 174 8.44 -12.36 26.21
CA ALA A 174 9.05 -11.40 25.30
C ALA A 174 9.17 -10.05 26.01
N GLN A 175 10.11 -9.19 25.57
CA GLN A 175 10.25 -7.87 26.18
C GLN A 175 9.10 -6.92 25.75
N TYR A 176 8.76 -6.98 24.47
CA TYR A 176 7.70 -6.17 23.84
C TYR A 176 6.71 -7.07 23.07
N SER A 177 5.48 -6.61 22.83
CA SER A 177 4.50 -7.37 22.08
C SER A 177 3.38 -6.53 21.52
N MET A 178 2.87 -6.94 20.37
CA MET A 178 1.70 -6.37 19.76
C MET A 178 0.79 -7.56 19.50
N ILE A 179 -0.36 -7.57 20.14
CA ILE A 179 -1.34 -8.65 20.20
C ILE A 179 -2.59 -8.43 19.31
N GLY A 180 -3.18 -9.50 18.83
CA GLY A 180 -4.41 -9.45 18.05
C GLY A 180 -4.34 -8.81 16.68
N LEU A 181 -3.25 -9.03 15.91
CA LEU A 181 -3.07 -8.49 14.55
C LEU A 181 -3.80 -9.31 13.48
N LYS A 182 -4.66 -8.69 12.69
CA LYS A 182 -5.44 -9.40 11.67
C LYS A 182 -5.25 -8.79 10.31
N PRO A 183 -5.10 -9.62 9.28
CA PRO A 183 -4.98 -9.05 7.92
C PRO A 183 -6.32 -8.54 7.36
N ARG A 184 -6.30 -7.46 6.60
CA ARG A 184 -7.51 -6.96 5.92
C ARG A 184 -7.41 -7.27 4.40
N ARG A 185 -8.45 -6.96 3.59
CA ARG A 185 -8.43 -7.31 2.17
C ARG A 185 -7.24 -6.69 1.42
N ALA A 186 -6.82 -5.45 1.78
CA ALA A 186 -5.67 -4.78 1.17
C ALA A 186 -4.35 -5.53 1.49
N ASP A 187 -4.31 -6.38 2.52
CA ASP A 187 -3.14 -7.21 2.83
C ASP A 187 -3.08 -8.49 1.96
N LEU A 188 -4.14 -8.79 1.18
CA LEU A 188 -4.15 -9.97 0.33
C LEU A 188 -3.58 -9.68 -1.06
N ASP A 189 -3.03 -10.70 -1.69
CA ASP A 189 -2.53 -10.64 -3.07
C ASP A 189 -3.65 -11.02 -4.05
N MET A 190 -3.35 -11.13 -5.36
CA MET A 190 -4.33 -11.50 -6.38
C MET A 190 -4.87 -12.95 -6.23
N ASN A 191 -4.23 -13.78 -5.38
CA ASN A 191 -4.68 -15.15 -5.13
C ASN A 191 -5.33 -15.34 -3.76
N GLN A 192 -5.69 -14.23 -3.07
CA GLN A 192 -6.33 -14.15 -1.75
C GLN A 192 -5.44 -14.67 -0.58
N HIS A 193 -4.14 -14.76 -0.80
CA HIS A 193 -3.18 -15.12 0.24
C HIS A 193 -2.59 -13.84 0.83
N VAL A 194 -2.17 -13.88 2.10
CA VAL A 194 -1.55 -12.72 2.72
C VAL A 194 -0.20 -12.43 2.01
N ASN A 195 -0.02 -11.18 1.59
CA ASN A 195 1.17 -10.69 0.93
C ASN A 195 2.33 -10.78 1.92
N ASN A 196 3.50 -11.28 1.47
CA ASN A 196 4.64 -11.51 2.32
C ASN A 196 5.19 -10.27 3.03
N VAL A 197 4.93 -9.07 2.47
CA VAL A 197 5.33 -7.79 3.04
C VAL A 197 4.54 -7.46 4.32
N THR A 198 3.28 -7.93 4.43
CA THR A 198 2.45 -7.71 5.63
C THR A 198 3.16 -8.25 6.87
N TYR A 199 3.82 -9.43 6.74
CA TYR A 199 4.54 -10.05 7.86
C TYR A 199 5.68 -9.18 8.36
N ILE A 200 6.35 -8.47 7.43
CA ILE A 200 7.42 -7.53 7.76
C ILE A 200 6.82 -6.40 8.61
N GLY A 201 5.68 -5.86 8.18
CA GLY A 201 5.00 -4.82 8.93
C GLY A 201 4.58 -5.29 10.31
N TRP A 202 4.05 -6.53 10.37
CA TRP A 202 3.65 -7.15 11.64
C TRP A 202 4.83 -7.37 12.60
N VAL A 203 6.02 -7.73 12.08
CA VAL A 203 7.22 -7.89 12.93
C VAL A 203 7.57 -6.53 13.54
N LEU A 204 7.58 -5.48 12.72
CA LEU A 204 7.94 -4.14 13.18
C LEU A 204 6.95 -3.53 14.16
N GLU A 205 5.68 -4.01 14.17
CA GLU A 205 4.63 -3.55 15.06
C GLU A 205 4.98 -3.65 16.54
N SER A 206 5.84 -4.62 16.94
CA SER A 206 6.20 -4.74 18.36
C SER A 206 7.44 -3.92 18.76
N ILE A 207 8.15 -3.30 17.80
CA ILE A 207 9.27 -2.41 18.12
C ILE A 207 8.68 -1.17 18.80
N PRO A 208 9.20 -0.72 19.96
CA PRO A 208 8.62 0.46 20.62
C PRO A 208 8.75 1.74 19.78
N GLN A 209 7.75 2.63 19.87
CA GLN A 209 7.76 3.87 19.11
C GLN A 209 9.01 4.75 19.38
N GLU A 210 9.62 4.65 20.57
CA GLU A 210 10.82 5.40 20.93
C GLU A 210 12.03 4.95 20.09
N ILE A 211 12.15 3.63 19.82
CA ILE A 211 13.20 3.13 18.93
C ILE A 211 12.94 3.65 17.53
N VAL A 212 11.70 3.54 17.06
CA VAL A 212 11.25 3.96 15.74
C VAL A 212 11.55 5.45 15.46
N ASP A 213 11.35 6.33 16.46
CA ASP A 213 11.55 7.79 16.38
C ASP A 213 13.04 8.24 16.50
N THR A 214 13.90 7.40 17.10
CA THR A 214 15.31 7.75 17.34
C THR A 214 16.32 6.96 16.50
N HIS A 215 15.87 5.84 15.91
CA HIS A 215 16.72 4.98 15.08
C HIS A 215 16.16 4.78 13.68
N GLU A 216 17.01 4.34 12.75
CA GLU A 216 16.58 4.01 11.39
C GLU A 216 16.86 2.52 11.18
N LEU A 217 15.91 1.77 10.59
CA LEU A 217 16.12 0.35 10.33
C LEU A 217 17.25 0.16 9.28
N GLN A 218 18.29 -0.59 9.63
CA GLN A 218 19.39 -0.84 8.70
C GLN A 218 19.29 -2.24 8.09
N VAL A 219 19.12 -3.29 8.92
CA VAL A 219 19.04 -4.68 8.46
C VAL A 219 17.78 -5.36 9.01
N ILE A 220 17.17 -6.25 8.22
CA ILE A 220 16.03 -7.10 8.59
C ILE A 220 16.18 -8.44 7.87
N THR A 221 16.19 -9.51 8.63
CA THR A 221 16.24 -10.88 8.12
C THR A 221 14.96 -11.54 8.62
N LEU A 222 14.16 -12.10 7.72
CA LEU A 222 12.92 -12.74 8.11
C LEU A 222 12.73 -14.16 7.51
N ASP A 223 12.64 -15.19 8.37
CA ASP A 223 12.34 -16.56 7.96
C ASP A 223 10.81 -16.75 7.92
N TYR A 224 10.31 -17.45 6.91
CA TYR A 224 8.89 -17.74 6.67
C TYR A 224 8.67 -19.24 6.89
N ARG A 225 7.91 -19.58 7.93
CA ARG A 225 7.72 -20.97 8.31
C ARG A 225 6.34 -21.49 7.97
N ARG A 226 5.33 -20.65 8.12
CA ARG A 226 3.94 -21.01 7.90
C ARG A 226 3.13 -19.80 7.50
N GLU A 227 2.14 -20.01 6.68
CA GLU A 227 1.27 -18.96 6.20
C GLU A 227 0.13 -18.57 7.19
N CYS A 228 -0.13 -17.27 7.34
CA CYS A 228 -1.25 -16.76 8.12
C CYS A 228 -2.44 -16.71 7.16
N GLN A 229 -3.50 -17.43 7.50
CA GLN A 229 -4.70 -17.43 6.70
C GLN A 229 -5.49 -16.16 6.95
N GLN A 230 -6.31 -15.78 5.97
CA GLN A 230 -7.17 -14.61 6.00
C GLN A 230 -7.95 -14.45 7.35
N ASP A 231 -8.39 -15.58 7.94
CA ASP A 231 -9.14 -15.55 9.19
C ASP A 231 -8.32 -15.95 10.44
N ASP A 232 -7.00 -15.80 10.37
CA ASP A 232 -6.14 -16.07 11.52
C ASP A 232 -5.80 -14.73 12.24
N VAL A 233 -5.44 -14.80 13.52
CA VAL A 233 -5.02 -13.66 14.34
C VAL A 233 -3.56 -13.88 14.74
N VAL A 234 -2.71 -12.83 14.64
CA VAL A 234 -1.28 -12.95 14.91
C VAL A 234 -0.79 -12.11 16.12
N ASP A 235 0.18 -12.67 16.86
CA ASP A 235 0.90 -12.00 17.94
C ASP A 235 2.35 -11.76 17.48
N SER A 236 2.82 -10.52 17.60
CA SER A 236 4.14 -10.06 17.26
C SER A 236 4.95 -9.83 18.54
N LEU A 237 6.01 -10.62 18.75
CA LEU A 237 6.88 -10.54 19.94
C LEU A 237 8.31 -10.05 19.58
N THR A 238 8.93 -9.19 20.43
CA THR A 238 10.28 -8.65 20.23
C THR A 238 11.06 -8.60 21.56
N THR A 239 12.36 -8.93 21.55
CA THR A 239 13.22 -8.79 22.72
C THR A 239 14.53 -8.18 22.23
N THR A 240 15.05 -7.19 22.95
CA THR A 240 16.33 -6.55 22.61
C THR A 240 17.45 -7.54 22.88
N THR A 241 18.35 -7.77 21.93
CA THR A 241 19.49 -8.70 22.14
C THR A 241 20.84 -8.01 22.18
N SER A 242 20.90 -6.68 22.04
CA SER A 242 22.16 -5.96 22.06
C SER A 242 22.56 -5.48 23.47
N ASN A 259 26.07 1.83 20.13
CA ASN A 259 25.38 2.69 19.18
C ASN A 259 24.35 1.97 18.28
N ASP A 260 24.21 0.64 18.42
CA ASP A 260 23.29 -0.12 17.58
C ASP A 260 22.31 -0.91 18.42
N SER A 261 21.06 -1.02 17.96
CA SER A 261 20.04 -1.81 18.63
C SER A 261 19.76 -3.04 17.79
N GLN A 262 19.73 -4.21 18.43
CA GLN A 262 19.42 -5.49 17.79
C GLN A 262 18.21 -6.08 18.48
N PHE A 263 17.33 -6.73 17.71
CA PHE A 263 16.12 -7.32 18.28
C PHE A 263 15.90 -8.70 17.72
N LEU A 264 15.33 -9.57 18.53
CA LEU A 264 14.94 -10.90 18.08
C LEU A 264 13.41 -10.88 17.99
N HIS A 265 12.86 -11.34 16.87
CA HIS A 265 11.42 -11.29 16.63
C HIS A 265 10.79 -12.65 16.46
N LEU A 266 9.48 -12.75 16.80
CA LEU A 266 8.70 -13.97 16.63
C LEU A 266 7.25 -13.60 16.29
N LEU A 267 6.70 -14.19 15.22
CA LEU A 267 5.28 -14.05 14.86
C LEU A 267 4.68 -15.42 15.10
N ARG A 268 3.56 -15.47 15.82
CA ARG A 268 2.88 -16.71 16.11
C ARG A 268 1.36 -16.49 16.12
N LEU A 269 0.59 -17.57 15.95
CA LEU A 269 -0.85 -17.47 15.95
C LEU A 269 -1.35 -17.23 17.35
N SER A 270 -2.23 -16.22 17.54
CA SER A 270 -2.77 -15.76 18.83
C SER A 270 -3.31 -16.86 19.71
N GLY A 271 -3.83 -17.92 19.10
CA GLY A 271 -4.39 -19.05 19.82
C GLY A 271 -3.38 -20.02 20.40
N ASP A 272 -3.15 -21.12 19.68
CA ASP A 272 -2.24 -22.21 20.06
C ASP A 272 -0.76 -21.81 20.14
N GLY A 273 -0.40 -20.69 19.54
CA GLY A 273 0.98 -20.22 19.55
C GLY A 273 1.84 -20.80 18.44
N GLN A 274 1.21 -21.36 17.38
CA GLN A 274 1.93 -21.91 16.23
C GLN A 274 2.79 -20.82 15.55
N GLU A 275 4.06 -21.11 15.34
CA GLU A 275 5.01 -20.19 14.73
C GLU A 275 4.77 -19.99 13.22
N ILE A 276 4.80 -18.75 12.78
CA ILE A 276 4.66 -18.43 11.36
C ILE A 276 5.94 -17.76 10.83
N ASN A 277 6.64 -16.98 11.69
CA ASN A 277 7.85 -16.28 11.30
C ASN A 277 8.78 -16.04 12.45
N ARG A 278 10.08 -15.95 12.14
CA ARG A 278 11.10 -15.51 13.08
C ARG A 278 12.09 -14.58 12.33
N GLY A 279 12.62 -13.61 13.05
CA GLY A 279 13.54 -12.66 12.43
C GLY A 279 14.39 -11.88 13.38
N THR A 280 15.25 -11.04 12.80
CA THR A 280 16.14 -10.12 13.49
C THR A 280 16.16 -8.78 12.76
N THR A 281 16.27 -7.70 13.50
CA THR A 281 16.44 -6.36 12.92
C THR A 281 17.66 -5.67 13.56
N LEU A 282 18.35 -4.83 12.78
CA LEU A 282 19.48 -4.05 13.24
C LEU A 282 19.11 -2.60 12.98
N TRP A 283 19.18 -1.75 14.01
CA TRP A 283 18.82 -0.34 13.90
C TRP A 283 20.00 0.52 14.32
N ARG A 284 20.22 1.67 13.65
CA ARG A 284 21.29 2.56 14.06
C ARG A 284 20.73 3.95 14.44
N LYS A 285 21.35 4.62 15.43
CA LYS A 285 20.91 5.92 15.89
C LYS A 285 20.87 6.95 14.75
N LYS A 286 19.77 7.73 14.67
CA LYS A 286 19.59 8.72 13.60
C LYS A 286 20.65 9.82 13.59
N GLY B 2 4.45 13.45 -14.40
CA GLY B 2 3.28 14.31 -14.34
C GLY B 2 3.57 15.75 -14.72
N SER B 3 2.52 16.50 -15.10
CA SER B 3 2.69 17.90 -15.45
C SER B 3 1.38 18.67 -15.48
N LEU B 4 1.46 20.00 -15.23
CA LEU B 4 0.30 20.88 -15.35
C LEU B 4 -0.04 20.99 -16.84
N THR B 5 -1.33 21.15 -17.16
CA THR B 5 -1.76 21.30 -18.54
C THR B 5 -1.28 22.67 -19.10
N GLU B 6 -1.54 22.96 -20.38
CA GLU B 6 -1.08 24.22 -20.99
C GLU B 6 -1.60 25.46 -20.27
N ASP B 7 -2.84 25.40 -19.77
CA ASP B 7 -3.41 26.55 -19.09
C ASP B 7 -2.93 26.69 -17.61
N GLY B 8 -2.22 25.69 -17.08
CA GLY B 8 -1.77 25.71 -15.69
C GLY B 8 -2.89 25.69 -14.67
N LEU B 9 -4.12 25.26 -15.09
CA LEU B 9 -5.30 25.22 -14.22
C LEU B 9 -5.71 23.80 -13.79
N SER B 10 -4.99 22.76 -14.25
CA SER B 10 -5.20 21.35 -13.88
C SER B 10 -3.87 20.57 -14.04
N TYR B 11 -3.81 19.34 -13.50
CA TYR B 11 -2.60 18.52 -13.52
C TYR B 11 -2.85 17.11 -14.00
N LYS B 12 -1.99 16.60 -14.90
CA LYS B 12 -2.11 15.23 -15.39
C LYS B 12 -0.93 14.36 -15.02
N GLU B 13 -1.17 13.07 -14.80
CA GLU B 13 -0.11 12.09 -14.48
C GLU B 13 -0.52 10.68 -14.91
N LYS B 14 0.44 9.90 -15.44
CA LYS B 14 0.22 8.51 -15.87
C LYS B 14 0.81 7.57 -14.83
N PHE B 15 0.12 6.43 -14.61
CA PHE B 15 0.52 5.43 -13.63
C PHE B 15 0.42 4.04 -14.22
N VAL B 16 1.46 3.21 -14.05
CA VAL B 16 1.38 1.82 -14.51
C VAL B 16 0.88 1.02 -13.30
N VAL B 17 -0.18 0.24 -13.48
CA VAL B 17 -0.73 -0.57 -12.37
C VAL B 17 0.26 -1.70 -11.95
N ARG B 18 0.62 -1.73 -10.66
CA ARG B 18 1.58 -2.70 -10.10
C ARG B 18 0.98 -4.03 -9.67
N SER B 19 1.82 -5.06 -9.65
CA SER B 19 1.43 -6.43 -9.26
C SER B 19 0.80 -6.53 -7.90
N TYR B 20 1.36 -5.84 -6.89
CA TYR B 20 0.83 -5.85 -5.52
C TYR B 20 -0.38 -4.89 -5.35
N GLU B 21 -0.69 -4.07 -6.35
CA GLU B 21 -1.80 -3.11 -6.33
C GLU B 21 -3.15 -3.71 -6.75
N VAL B 22 -3.17 -5.00 -7.21
CA VAL B 22 -4.38 -5.62 -7.74
C VAL B 22 -5.02 -6.66 -6.81
N GLY B 23 -6.34 -6.80 -6.92
CA GLY B 23 -7.10 -7.79 -6.16
C GLY B 23 -7.26 -9.11 -6.90
N SER B 24 -8.23 -9.94 -6.47
CA SER B 24 -8.47 -11.25 -7.06
C SER B 24 -8.94 -11.23 -8.55
N ASN B 25 -9.50 -10.10 -9.01
CA ASN B 25 -9.89 -9.94 -10.41
C ASN B 25 -8.71 -9.45 -11.31
N LYS B 26 -7.47 -9.40 -10.75
CA LYS B 26 -6.26 -8.93 -11.42
C LYS B 26 -6.39 -7.49 -11.92
N THR B 27 -7.22 -6.68 -11.24
CA THR B 27 -7.43 -5.28 -11.49
C THR B 27 -7.21 -4.48 -10.20
N ALA B 28 -6.82 -3.21 -10.35
CA ALA B 28 -6.52 -2.33 -9.23
C ALA B 28 -7.68 -2.26 -8.23
N THR B 29 -7.36 -2.30 -6.92
CA THR B 29 -8.39 -2.17 -5.91
C THR B 29 -8.89 -0.71 -5.84
N VAL B 30 -10.04 -0.46 -5.17
CA VAL B 30 -10.51 0.92 -5.00
C VAL B 30 -9.54 1.70 -4.06
N GLU B 31 -8.84 1.00 -3.14
CA GLU B 31 -7.85 1.62 -2.25
C GLU B 31 -6.61 1.99 -3.03
N THR B 32 -6.19 1.18 -4.04
CA THR B 32 -5.06 1.55 -4.89
C THR B 32 -5.42 2.85 -5.67
N ILE B 33 -6.65 2.87 -6.24
CA ILE B 33 -7.13 4.05 -6.95
C ILE B 33 -7.13 5.28 -6.03
N ALA B 34 -7.72 5.15 -4.82
CA ALA B 34 -7.74 6.26 -3.87
C ALA B 34 -6.33 6.77 -3.49
N ASN B 35 -5.33 5.88 -3.44
CA ASN B 35 -3.92 6.24 -3.20
C ASN B 35 -3.33 7.02 -4.42
N LEU B 36 -3.70 6.61 -5.67
CA LEU B 36 -3.29 7.28 -6.89
C LEU B 36 -3.90 8.71 -6.93
N LEU B 37 -5.14 8.89 -6.42
CA LEU B 37 -5.77 10.21 -6.28
C LEU B 37 -4.95 11.06 -5.31
N GLN B 38 -4.44 10.48 -4.20
CA GLN B 38 -3.58 11.22 -3.27
C GLN B 38 -2.29 11.65 -3.97
N GLU B 39 -1.60 10.71 -4.64
CA GLU B 39 -0.35 11.00 -5.34
C GLU B 39 -0.50 12.10 -6.42
N VAL B 40 -1.54 12.04 -7.28
CA VAL B 40 -1.71 13.08 -8.28
C VAL B 40 -2.10 14.43 -7.61
N GLY B 41 -2.86 14.37 -6.50
CA GLY B 41 -3.22 15.56 -5.74
C GLY B 41 -2.01 16.27 -5.15
N CYS B 42 -1.12 15.52 -4.49
CA CYS B 42 0.11 16.08 -3.92
C CYS B 42 1.03 16.63 -5.00
N ASN B 43 1.17 15.95 -6.13
CA ASN B 43 2.02 16.45 -7.22
C ASN B 43 1.47 17.77 -7.83
N HIS B 44 0.13 17.93 -7.89
CA HIS B 44 -0.47 19.16 -8.40
C HIS B 44 -0.10 20.33 -7.46
N ALA B 45 -0.26 20.14 -6.11
CA ALA B 45 0.09 21.18 -5.13
C ALA B 45 1.55 21.61 -5.19
N GLN B 46 2.47 20.64 -5.35
CA GLN B 46 3.90 20.85 -5.38
C GLN B 46 4.34 21.63 -6.63
N SER B 47 3.73 21.33 -7.75
CA SER B 47 4.03 21.99 -9.01
C SER B 47 3.57 23.46 -9.04
N VAL B 48 2.76 23.90 -8.07
CA VAL B 48 2.28 25.29 -8.06
C VAL B 48 2.73 26.07 -6.82
N GLY B 49 3.71 25.58 -6.07
CA GLY B 49 4.23 26.30 -4.92
C GLY B 49 3.89 25.79 -3.54
N PHE B 50 2.96 24.84 -3.43
CA PHE B 50 2.60 24.28 -2.12
C PHE B 50 3.42 23.03 -1.83
N ALA B 56 -1.68 20.99 1.24
CA ALA B 56 -2.15 22.09 0.42
C ALA B 56 -2.22 23.39 1.24
N THR B 57 -1.32 23.58 2.22
CA THR B 57 -1.35 24.78 3.03
C THR B 57 -0.70 25.97 2.32
N THR B 58 -1.33 27.12 2.40
CA THR B 58 -0.77 28.35 1.85
C THR B 58 0.20 28.96 2.91
N THR B 59 0.94 30.00 2.54
CA THR B 59 1.84 30.66 3.49
C THR B 59 1.05 31.27 4.67
N THR B 60 -0.18 31.72 4.43
CA THR B 60 -1.01 32.28 5.49
C THR B 60 -1.59 31.17 6.38
N MET B 61 -1.89 29.99 5.80
CA MET B 61 -2.39 28.87 6.60
C MET B 61 -1.32 28.39 7.59
N ARG B 62 -0.05 28.28 7.15
CA ARG B 62 1.05 27.83 8.02
C ARG B 62 1.24 28.79 9.20
N LYS B 63 1.06 30.09 8.94
CA LYS B 63 1.19 31.15 9.93
C LYS B 63 0.04 31.08 10.95
N LEU B 64 -1.15 30.64 10.53
CA LEU B 64 -2.29 30.52 11.45
C LEU B 64 -2.53 29.12 11.98
N HIS B 65 -1.63 28.16 11.70
CA HIS B 65 -1.77 26.76 12.07
C HIS B 65 -3.06 26.15 11.48
N LEU B 66 -3.38 26.53 10.24
CA LEU B 66 -4.57 26.05 9.56
C LEU B 66 -4.21 24.98 8.55
N ILE B 67 -5.05 23.93 8.44
CA ILE B 67 -4.87 22.80 7.50
C ILE B 67 -6.16 22.54 6.69
N TRP B 68 -6.04 21.86 5.56
CA TRP B 68 -7.19 21.42 4.78
C TRP B 68 -7.51 20.00 5.23
N VAL B 69 -8.76 19.70 5.55
CA VAL B 69 -9.17 18.35 5.97
C VAL B 69 -10.28 17.81 5.03
N THR B 70 -10.31 16.47 4.75
CA THR B 70 -11.37 15.90 3.90
C THR B 70 -12.69 15.74 4.70
N ALA B 71 -13.77 16.30 4.17
CA ALA B 71 -15.09 16.12 4.76
C ALA B 71 -15.80 14.98 4.00
N ARG B 72 -15.59 14.86 2.69
CA ARG B 72 -16.28 13.87 1.87
C ARG B 72 -15.43 13.46 0.67
N MET B 73 -15.43 12.16 0.35
CA MET B 73 -14.80 11.56 -0.83
C MET B 73 -15.88 10.74 -1.59
N HIS B 74 -16.05 11.00 -2.87
CA HIS B 74 -17.03 10.28 -3.69
C HIS B 74 -16.27 9.72 -4.93
N ILE B 75 -16.18 8.39 -5.05
CA ILE B 75 -15.50 7.74 -6.17
C ILE B 75 -16.47 6.86 -7.00
N GLU B 76 -16.42 6.98 -8.34
N GLU B 76 -16.43 6.98 -8.34
N GLU B 76 -16.42 6.98 -8.34
CA GLU B 76 -17.25 6.16 -9.21
CA GLU B 76 -17.24 6.19 -9.24
CA GLU B 76 -17.25 6.16 -9.21
C GLU B 76 -16.36 5.55 -10.29
C GLU B 76 -16.34 5.54 -10.29
C GLU B 76 -16.36 5.55 -10.29
N ILE B 77 -16.22 4.21 -10.27
CA ILE B 77 -15.39 3.48 -11.23
C ILE B 77 -16.20 2.68 -12.26
N TYR B 78 -15.97 2.89 -13.59
CA TYR B 78 -16.67 2.13 -14.64
C TYR B 78 -15.85 0.89 -15.02
N LYS B 79 -14.51 1.02 -15.04
CA LYS B 79 -13.59 -0.07 -15.36
C LYS B 79 -12.33 0.08 -14.52
N TYR B 80 -12.03 -0.90 -13.67
CA TYR B 80 -10.80 -0.89 -12.88
C TYR B 80 -9.65 -1.29 -13.79
N PRO B 81 -8.53 -0.54 -13.79
CA PRO B 81 -7.43 -0.90 -14.70
C PRO B 81 -6.72 -2.21 -14.32
N ALA B 82 -6.31 -2.95 -15.31
CA ALA B 82 -5.62 -4.22 -15.12
C ALA B 82 -4.15 -4.02 -14.78
N TRP B 83 -3.55 -5.04 -14.16
CA TRP B 83 -2.13 -5.09 -13.85
C TRP B 83 -1.29 -4.94 -15.13
N GLY B 84 -0.47 -3.91 -15.16
CA GLY B 84 0.33 -3.60 -16.34
C GLY B 84 -0.27 -2.49 -17.19
N ASP B 85 -1.56 -2.18 -17.03
CA ASP B 85 -2.20 -1.12 -17.79
C ASP B 85 -1.73 0.25 -17.31
N VAL B 86 -1.84 1.24 -18.18
CA VAL B 86 -1.47 2.60 -17.83
C VAL B 86 -2.76 3.41 -17.66
N VAL B 87 -2.91 4.08 -16.51
CA VAL B 87 -4.08 4.92 -16.26
C VAL B 87 -3.63 6.39 -16.19
N GLU B 88 -4.33 7.31 -16.89
CA GLU B 88 -3.99 8.73 -16.83
C GLU B 88 -5.03 9.45 -15.96
N ILE B 89 -4.58 10.21 -14.97
CA ILE B 89 -5.47 10.93 -14.08
C ILE B 89 -5.31 12.46 -14.21
N GLU B 90 -6.44 13.17 -14.36
CA GLU B 90 -6.41 14.63 -14.41
C GLU B 90 -7.11 15.20 -13.19
N THR B 91 -6.46 16.15 -12.52
CA THR B 91 -7.03 16.72 -11.30
C THR B 91 -7.01 18.23 -11.29
N TRP B 92 -7.96 18.83 -10.59
CA TRP B 92 -8.02 20.28 -10.46
C TRP B 92 -8.76 20.66 -9.15
N CYS B 93 -8.55 21.86 -8.63
CA CYS B 93 -9.28 22.33 -7.44
C CYS B 93 -10.21 23.46 -7.81
N GLN B 94 -11.18 23.76 -6.93
CA GLN B 94 -12.10 24.85 -7.14
C GLN B 94 -12.62 25.38 -5.80
N SER B 95 -12.81 26.70 -5.70
CA SER B 95 -13.33 27.30 -4.47
C SER B 95 -14.84 27.07 -4.38
N GLU B 96 -15.35 26.93 -3.17
CA GLU B 96 -16.79 26.80 -2.94
C GLU B 96 -17.26 27.83 -1.93
N GLY B 97 -16.74 29.05 -2.02
CA GLY B 97 -17.11 30.12 -1.10
C GLY B 97 -16.30 30.08 0.16
N ARG B 98 -16.96 30.31 1.30
CA ARG B 98 -16.32 30.32 2.62
C ARG B 98 -16.29 28.95 3.28
N ILE B 99 -17.15 28.02 2.87
CA ILE B 99 -17.18 26.69 3.50
C ILE B 99 -15.89 25.92 3.23
N GLY B 100 -15.40 25.98 2.00
CA GLY B 100 -14.17 25.30 1.65
C GLY B 100 -13.88 25.18 0.17
N THR B 101 -13.11 24.16 -0.17
CA THR B 101 -12.70 23.86 -1.52
C THR B 101 -13.13 22.44 -1.96
N ARG B 102 -13.08 22.19 -3.26
CA ARG B 102 -13.42 20.92 -3.88
C ARG B 102 -12.25 20.47 -4.76
N ARG B 103 -11.90 19.19 -4.73
CA ARG B 103 -10.90 18.66 -5.62
C ARG B 103 -11.55 17.54 -6.43
N ASP B 104 -11.45 17.62 -7.78
CA ASP B 104 -12.04 16.62 -8.68
C ASP B 104 -10.99 15.88 -9.48
N TRP B 105 -11.34 14.67 -9.93
CA TRP B 105 -10.46 13.83 -10.75
C TRP B 105 -11.25 13.16 -11.87
N ILE B 106 -10.58 12.92 -13.01
CA ILE B 106 -11.07 12.16 -14.15
C ILE B 106 -10.01 11.08 -14.38
N LEU B 107 -10.42 9.83 -14.47
N LEU B 107 -10.42 9.83 -14.47
N LEU B 107 -10.42 9.83 -14.47
CA LEU B 107 -9.52 8.71 -14.71
CA LEU B 107 -9.52 8.71 -14.71
CA LEU B 107 -9.52 8.71 -14.71
C LEU B 107 -9.76 8.21 -16.13
C LEU B 107 -9.76 8.21 -16.13
C LEU B 107 -9.76 8.21 -16.13
N LYS B 108 -8.69 7.99 -16.90
CA LYS B 108 -8.83 7.52 -18.28
C LYS B 108 -7.91 6.37 -18.65
N ASP B 109 -8.31 5.61 -19.69
CA ASP B 109 -7.51 4.55 -20.27
C ASP B 109 -6.52 5.30 -21.17
N SER B 110 -5.22 5.06 -20.99
CA SER B 110 -4.20 5.75 -21.78
C SER B 110 -4.25 5.34 -23.24
N VAL B 111 -4.55 4.06 -23.51
CA VAL B 111 -4.60 3.53 -24.86
C VAL B 111 -5.83 4.00 -25.64
N THR B 112 -7.01 4.02 -25.00
CA THR B 112 -8.25 4.37 -25.72
C THR B 112 -8.69 5.83 -25.54
N GLY B 113 -8.29 6.46 -24.45
CA GLY B 113 -8.72 7.82 -24.13
C GLY B 113 -10.10 7.89 -23.48
N GLU B 114 -10.73 6.73 -23.23
CA GLU B 114 -12.06 6.66 -22.63
C GLU B 114 -12.01 6.86 -21.13
N VAL B 115 -13.06 7.49 -20.57
CA VAL B 115 -13.15 7.71 -19.14
C VAL B 115 -13.53 6.42 -18.42
N THR B 116 -12.63 5.91 -17.57
CA THR B 116 -12.84 4.68 -16.82
C THR B 116 -13.25 4.89 -15.34
N GLY B 117 -13.25 6.14 -14.88
CA GLY B 117 -13.62 6.50 -13.53
C GLY B 117 -13.57 7.99 -13.26
N ARG B 118 -14.21 8.43 -12.18
N ARG B 118 -14.21 8.43 -12.18
N ARG B 118 -14.19 8.43 -12.17
CA ARG B 118 -14.22 9.84 -11.80
CA ARG B 118 -14.21 9.84 -11.80
CA ARG B 118 -14.19 9.83 -11.79
C ARG B 118 -14.43 10.00 -10.29
C ARG B 118 -14.41 10.00 -10.29
C ARG B 118 -14.40 9.99 -10.28
N ALA B 119 -13.91 11.09 -9.73
CA ALA B 119 -14.01 11.33 -8.30
C ALA B 119 -14.13 12.80 -7.94
N THR B 120 -14.76 13.05 -6.80
CA THR B 120 -14.94 14.39 -6.28
C THR B 120 -14.78 14.34 -4.76
N SER B 121 -14.04 15.30 -4.20
CA SER B 121 -13.82 15.38 -2.76
C SER B 121 -14.05 16.82 -2.25
N LYS B 122 -14.66 16.95 -1.05
CA LYS B 122 -14.96 18.22 -0.40
C LYS B 122 -14.06 18.43 0.83
N TRP B 123 -13.41 19.58 0.89
CA TRP B 123 -12.43 19.94 1.91
C TRP B 123 -12.82 21.18 2.67
N VAL B 124 -12.60 21.17 3.99
CA VAL B 124 -12.86 22.30 4.89
C VAL B 124 -11.55 22.69 5.64
N MET B 125 -11.47 23.92 6.13
CA MET B 125 -10.32 24.40 6.89
C MET B 125 -10.48 24.13 8.40
N MET B 126 -9.40 23.70 9.05
CA MET B 126 -9.39 23.35 10.45
C MET B 126 -8.10 23.83 11.11
N ASN B 127 -8.17 24.25 12.40
CA ASN B 127 -6.97 24.60 13.14
C ASN B 127 -6.36 23.28 13.53
N GLN B 128 -5.13 22.99 13.11
CA GLN B 128 -4.50 21.68 13.38
C GLN B 128 -4.39 21.31 14.87
N ASP B 129 -4.31 22.32 15.77
CA ASP B 129 -4.19 22.11 17.21
C ASP B 129 -5.54 21.98 17.93
N THR B 130 -6.44 22.97 17.75
CA THR B 130 -7.73 22.92 18.41
C THR B 130 -8.76 22.02 17.73
N ARG B 131 -8.48 21.61 16.47
CA ARG B 131 -9.33 20.82 15.58
C ARG B 131 -10.69 21.50 15.30
N ARG B 132 -10.70 22.84 15.34
CA ARG B 132 -11.89 23.66 15.18
C ARG B 132 -12.04 24.12 13.76
N LEU B 133 -13.21 23.87 13.20
CA LEU B 133 -13.48 24.25 11.82
C LEU B 133 -13.70 25.77 11.71
N GLN B 134 -13.46 26.33 10.52
CA GLN B 134 -13.64 27.77 10.32
C GLN B 134 -13.79 28.12 8.83
N LYS B 135 -14.52 29.21 8.56
CA LYS B 135 -14.70 29.69 7.18
C LYS B 135 -13.37 30.19 6.65
N VAL B 136 -13.14 30.02 5.36
CA VAL B 136 -11.90 30.45 4.73
C VAL B 136 -11.86 31.98 4.66
N SER B 137 -10.77 32.59 5.15
CA SER B 137 -10.61 34.04 5.11
C SER B 137 -10.29 34.50 3.71
N ASP B 138 -10.57 35.77 3.39
CA ASP B 138 -10.26 36.32 2.07
C ASP B 138 -8.75 36.34 1.78
N ASP B 139 -7.91 36.60 2.80
CA ASP B 139 -6.46 36.61 2.61
C ASP B 139 -5.97 35.22 2.18
N VAL B 140 -6.54 34.14 2.76
CA VAL B 140 -6.20 32.77 2.40
C VAL B 140 -6.78 32.42 1.03
N ARG B 141 -8.06 32.74 0.80
CA ARG B 141 -8.79 32.50 -0.44
C ARG B 141 -8.07 33.06 -1.67
N ASP B 142 -7.63 34.33 -1.63
CA ASP B 142 -6.96 34.97 -2.76
C ASP B 142 -5.62 34.34 -3.12
N GLU B 143 -4.96 33.71 -2.15
CA GLU B 143 -3.70 33.01 -2.37
C GLU B 143 -3.83 31.82 -3.32
N TYR B 144 -4.92 31.03 -3.22
CA TYR B 144 -5.05 29.86 -4.08
C TYR B 144 -6.03 29.99 -5.25
N LEU B 145 -6.82 31.05 -5.33
CA LEU B 145 -7.79 31.25 -6.43
C LEU B 145 -7.15 31.33 -7.83
N VAL B 146 -5.87 31.68 -7.90
CA VAL B 146 -5.12 31.81 -9.15
C VAL B 146 -4.71 30.48 -9.78
N PHE B 147 -4.87 29.37 -9.05
CA PHE B 147 -4.54 27.99 -9.45
C PHE B 147 -5.80 27.14 -9.80
N CYS B 148 -7.01 27.71 -9.60
CA CYS B 148 -8.30 27.07 -9.87
C CYS B 148 -8.94 27.69 -11.12
N PRO B 149 -9.75 26.92 -11.90
CA PRO B 149 -10.47 27.57 -13.02
C PRO B 149 -11.53 28.54 -12.48
N GLN B 150 -11.82 29.61 -13.20
CA GLN B 150 -12.79 30.61 -12.74
C GLN B 150 -14.23 30.19 -13.07
N GLU B 151 -14.43 29.49 -14.19
CA GLU B 151 -15.74 28.96 -14.55
C GLU B 151 -15.88 27.58 -13.90
N PRO B 152 -17.11 27.17 -13.54
CA PRO B 152 -17.26 25.86 -12.88
C PRO B 152 -16.85 24.70 -13.78
N ARG B 153 -16.06 23.79 -13.22
CA ARG B 153 -15.58 22.61 -13.94
C ARG B 153 -15.84 21.43 -12.99
N LEU B 154 -16.88 20.65 -13.28
CA LEU B 154 -17.32 19.59 -12.39
C LEU B 154 -17.13 18.19 -12.93
N ALA B 155 -16.47 17.33 -12.15
CA ALA B 155 -16.36 15.92 -12.52
C ALA B 155 -17.76 15.27 -12.51
N PHE B 156 -18.67 15.75 -11.65
CA PHE B 156 -20.04 15.24 -11.59
C PHE B 156 -21.03 16.39 -11.83
N PRO B 157 -21.27 16.77 -13.09
CA PRO B 157 -22.15 17.92 -13.33
C PRO B 157 -23.65 17.63 -13.19
N GLU B 158 -24.08 16.39 -13.48
CA GLU B 158 -25.48 15.94 -13.41
C GLU B 158 -26.30 16.56 -12.26
N GLU B 159 -27.46 17.21 -12.56
CA GLU B 159 -28.27 17.81 -11.49
C GLU B 159 -28.88 16.69 -10.65
N ASN B 160 -28.76 16.83 -9.31
CA ASN B 160 -29.20 15.85 -8.31
C ASN B 160 -28.41 14.53 -8.49
N ASN B 161 -27.07 14.63 -8.34
CA ASN B 161 -26.14 13.50 -8.47
C ASN B 161 -25.85 12.81 -7.11
N ARG B 162 -25.22 11.62 -7.15
CA ARG B 162 -24.92 10.83 -5.95
C ARG B 162 -23.88 11.47 -5.02
N SER B 163 -23.04 12.38 -5.55
CA SER B 163 -21.98 13.02 -4.77
C SER B 163 -22.45 14.02 -3.74
N LEU B 164 -23.69 14.51 -3.86
CA LEU B 164 -24.24 15.54 -2.95
C LEU B 164 -25.41 15.04 -2.07
N LYS B 165 -25.67 13.73 -2.08
CA LYS B 165 -26.76 13.14 -1.30
C LYS B 165 -26.42 13.12 0.19
N LYS B 166 -27.42 13.30 1.05
CA LYS B 166 -27.20 13.28 2.50
C LYS B 166 -27.13 11.81 2.97
N ILE B 167 -26.13 11.44 3.79
CA ILE B 167 -26.02 10.05 4.26
C ILE B 167 -26.61 9.85 5.66
N PRO B 168 -27.57 8.93 5.82
CA PRO B 168 -28.16 8.72 7.15
C PRO B 168 -27.32 7.82 8.09
N LYS B 169 -27.66 7.83 9.39
CA LYS B 169 -26.93 7.03 10.37
C LYS B 169 -27.53 5.64 10.53
N LEU B 170 -26.68 4.61 10.38
CA LEU B 170 -27.02 3.20 10.47
C LEU B 170 -27.64 2.87 11.85
N GLU B 171 -28.76 2.16 11.82
CA GLU B 171 -29.45 1.78 13.06
C GLU B 171 -28.94 0.44 13.54
N ASP B 172 -28.69 0.31 14.85
CA ASP B 172 -28.34 -0.97 15.43
C ASP B 172 -29.62 -1.81 15.55
N PRO B 173 -29.58 -3.13 15.32
CA PRO B 173 -28.41 -3.91 14.94
C PRO B 173 -28.06 -3.85 13.44
N ALA B 174 -26.77 -3.78 13.15
CA ALA B 174 -26.29 -3.81 11.78
C ALA B 174 -26.49 -5.22 11.21
N GLN B 175 -26.60 -5.35 9.87
CA GLN B 175 -26.72 -6.67 9.27
C GLN B 175 -25.40 -7.44 9.29
N TYR B 176 -24.31 -6.75 8.98
CA TYR B 176 -22.94 -7.29 8.96
C TYR B 176 -22.00 -6.42 9.83
N SER B 177 -20.88 -6.99 10.28
CA SER B 177 -19.91 -6.23 11.07
C SER B 177 -18.53 -6.85 11.09
N MET B 178 -17.53 -5.99 11.18
CA MET B 178 -16.15 -6.40 11.36
C MET B 178 -15.68 -5.58 12.56
N ILE B 179 -15.36 -6.24 13.65
CA ILE B 179 -15.01 -5.56 14.89
C ILE B 179 -13.52 -5.69 15.24
N GLY B 180 -13.05 -4.80 16.08
CA GLY B 180 -11.67 -4.76 16.55
C GLY B 180 -10.60 -4.40 15.53
N LEU B 181 -10.90 -3.47 14.59
CA LEU B 181 -9.96 -3.04 13.54
C LEU B 181 -8.97 -1.98 14.06
N LYS B 182 -7.66 -2.23 13.92
CA LYS B 182 -6.65 -1.30 14.43
C LYS B 182 -5.69 -0.91 13.33
N PRO B 183 -5.32 0.38 13.26
CA PRO B 183 -4.33 0.78 12.25
C PRO B 183 -2.90 0.33 12.61
N ARG B 184 -2.09 -0.02 11.63
CA ARG B 184 -0.67 -0.35 11.87
C ARG B 184 0.22 0.82 11.32
N ARG B 185 1.56 0.76 11.49
CA ARG B 185 2.42 1.87 11.04
C ARG B 185 2.28 2.16 9.54
N ALA B 186 2.10 1.12 8.68
CA ALA B 186 1.91 1.29 7.24
C ALA B 186 0.60 2.04 6.93
N ASP B 187 -0.36 2.09 7.84
CA ASP B 187 -1.60 2.88 7.68
C ASP B 187 -1.41 4.37 8.01
N LEU B 188 -0.24 4.76 8.56
CA LEU B 188 0.01 6.15 8.89
C LEU B 188 0.66 6.91 7.73
N ASP B 189 0.43 8.22 7.69
CA ASP B 189 1.05 9.12 6.70
C ASP B 189 2.38 9.68 7.28
N MET B 190 3.03 10.62 6.56
CA MET B 190 4.29 11.23 6.99
C MET B 190 4.15 12.08 8.27
N ASN B 191 2.90 12.38 8.72
CA ASN B 191 2.66 13.15 9.94
C ASN B 191 2.11 12.31 11.08
N GLN B 192 2.19 10.96 10.98
CA GLN B 192 1.74 9.95 11.94
C GLN B 192 0.21 9.91 12.15
N HIS B 193 -0.55 10.46 11.21
CA HIS B 193 -2.02 10.39 11.23
C HIS B 193 -2.46 9.23 10.33
N VAL B 194 -3.62 8.63 10.63
CA VAL B 194 -4.13 7.57 9.80
C VAL B 194 -4.50 8.13 8.40
N ASN B 195 -3.98 7.48 7.37
CA ASN B 195 -4.21 7.82 5.98
C ASN B 195 -5.70 7.64 5.69
N ASN B 196 -6.32 8.61 5.01
CA ASN B 196 -7.75 8.60 4.74
C ASN B 196 -8.27 7.39 3.95
N VAL B 197 -7.37 6.74 3.17
CA VAL B 197 -7.67 5.54 2.39
C VAL B 197 -7.92 4.33 3.27
N THR B 198 -7.26 4.27 4.46
CA THR B 198 -7.45 3.16 5.42
C THR B 198 -8.92 3.04 5.81
N TYR B 199 -9.61 4.18 5.99
CA TYR B 199 -11.03 4.20 6.35
C TYR B 199 -11.91 3.58 5.30
N ILE B 200 -11.54 3.76 4.01
CA ILE B 200 -12.22 3.15 2.87
C ILE B 200 -12.09 1.63 2.99
N GLY B 201 -10.86 1.16 3.24
CA GLY B 201 -10.62 -0.27 3.43
C GLY B 201 -11.41 -0.83 4.60
N TRP B 202 -11.42 -0.08 5.71
CA TRP B 202 -12.19 -0.47 6.91
C TRP B 202 -13.70 -0.55 6.67
N VAL B 203 -14.27 0.36 5.85
CA VAL B 203 -15.69 0.31 5.50
C VAL B 203 -15.97 -0.97 4.73
N LEU B 204 -15.13 -1.28 3.74
CA LEU B 204 -15.32 -2.46 2.91
C LEU B 204 -15.14 -3.78 3.66
N GLU B 205 -14.41 -3.78 4.79
CA GLU B 205 -14.18 -4.95 5.64
C GLU B 205 -15.45 -5.65 6.10
N SER B 206 -16.58 -4.91 6.27
CA SER B 206 -17.82 -5.55 6.73
C SER B 206 -18.71 -6.06 5.58
N ILE B 207 -18.35 -5.78 4.30
CA ILE B 207 -19.10 -6.33 3.16
C ILE B 207 -18.81 -7.84 3.13
N PRO B 208 -19.82 -8.71 2.99
CA PRO B 208 -19.53 -10.16 2.99
C PRO B 208 -18.69 -10.58 1.79
N GLN B 209 -17.84 -11.60 2.00
CA GLN B 209 -16.97 -12.08 0.93
C GLN B 209 -17.76 -12.56 -0.31
N GLU B 210 -19.01 -13.03 -0.15
CA GLU B 210 -19.83 -13.50 -1.26
C GLU B 210 -20.25 -12.32 -2.16
N ILE B 211 -20.52 -11.16 -1.57
CA ILE B 211 -20.80 -9.95 -2.36
C ILE B 211 -19.54 -9.57 -3.12
N VAL B 212 -18.39 -9.54 -2.44
CA VAL B 212 -17.08 -9.18 -2.97
C VAL B 212 -16.65 -10.06 -4.17
N ASP B 213 -16.94 -11.38 -4.11
CA ASP B 213 -16.60 -12.36 -5.15
C ASP B 213 -17.57 -12.38 -6.37
N THR B 214 -18.81 -11.87 -6.20
CA THR B 214 -19.83 -11.88 -7.25
C THR B 214 -20.17 -10.52 -7.84
N HIS B 215 -19.78 -9.44 -7.14
CA HIS B 215 -20.04 -8.06 -7.57
C HIS B 215 -18.75 -7.24 -7.70
N GLU B 216 -18.83 -6.12 -8.42
CA GLU B 216 -17.72 -5.17 -8.54
C GLU B 216 -18.19 -3.85 -7.94
N LEU B 217 -17.36 -3.18 -7.12
CA LEU B 217 -17.73 -1.90 -6.55
C LEU B 217 -17.83 -0.83 -7.65
N GLN B 218 -18.98 -0.17 -7.76
CA GLN B 218 -19.18 0.87 -8.77
C GLN B 218 -19.08 2.26 -8.13
N VAL B 219 -19.82 2.51 -7.04
CA VAL B 219 -19.83 3.81 -6.36
C VAL B 219 -19.55 3.66 -4.86
N ILE B 220 -18.84 4.62 -4.26
CA ILE B 220 -18.53 4.73 -2.85
C ILE B 220 -18.52 6.22 -2.47
N THR B 221 -19.33 6.60 -1.50
CA THR B 221 -19.40 7.95 -0.95
C THR B 221 -19.06 7.79 0.52
N LEU B 222 -18.06 8.52 1.01
CA LEU B 222 -17.66 8.45 2.40
C LEU B 222 -17.52 9.82 3.10
N ASP B 223 -18.33 10.07 4.14
CA ASP B 223 -18.23 11.26 4.99
C ASP B 223 -17.21 11.00 6.11
N TYR B 224 -16.37 11.99 6.41
CA TYR B 224 -15.32 11.95 7.44
C TYR B 224 -15.73 12.89 8.57
N ARG B 225 -16.02 12.33 9.74
CA ARG B 225 -16.53 13.10 10.87
C ARG B 225 -15.52 13.31 11.97
N ARG B 226 -14.69 12.30 12.21
CA ARG B 226 -13.70 12.34 13.26
C ARG B 226 -12.54 11.42 12.92
N GLU B 227 -11.37 11.80 13.34
CA GLU B 227 -10.16 11.06 13.09
C GLU B 227 -9.94 9.87 14.08
N CYS B 228 -9.50 8.71 13.54
CA CYS B 228 -9.13 7.55 14.35
C CYS B 228 -7.65 7.76 14.70
N GLN B 229 -7.36 7.82 15.99
CA GLN B 229 -5.99 7.95 16.45
C GLN B 229 -5.28 6.61 16.36
N GLN B 230 -3.96 6.67 16.25
CA GLN B 230 -3.06 5.52 16.16
C GLN B 230 -3.41 4.40 17.19
N ASP B 231 -3.82 4.78 18.41
CA ASP B 231 -4.15 3.82 19.46
C ASP B 231 -5.67 3.61 19.69
N ASP B 232 -6.48 3.90 18.67
CA ASP B 232 -7.91 3.67 18.74
C ASP B 232 -8.26 2.32 18.04
N VAL B 233 -9.39 1.72 18.40
CA VAL B 233 -9.91 0.48 17.81
C VAL B 233 -11.23 0.81 17.12
N VAL B 234 -11.46 0.32 15.89
CA VAL B 234 -12.65 0.63 15.10
C VAL B 234 -13.58 -0.57 14.82
N ASP B 235 -14.89 -0.33 14.81
CA ASP B 235 -15.93 -1.27 14.41
C ASP B 235 -16.55 -0.77 13.08
N SER B 236 -16.60 -1.65 12.10
CA SER B 236 -17.14 -1.43 10.77
C SER B 236 -18.51 -2.15 10.65
N LEU B 237 -19.58 -1.39 10.48
CA LEU B 237 -20.95 -1.90 10.37
C LEU B 237 -21.55 -1.66 8.95
N THR B 238 -22.30 -2.65 8.41
CA THR B 238 -22.94 -2.57 7.09
C THR B 238 -24.36 -3.17 7.11
N THR B 239 -25.33 -2.55 6.43
CA THR B 239 -26.67 -3.12 6.27
C THR B 239 -27.07 -2.91 4.81
N THR B 240 -27.63 -3.95 4.18
CA THR B 240 -28.09 -3.87 2.79
C THR B 240 -29.32 -2.97 2.74
N THR B 241 -29.35 -1.99 1.84
CA THR B 241 -30.52 -1.09 1.73
C THR B 241 -31.28 -1.25 0.41
N SER B 242 -30.85 -2.16 -0.47
CA SER B 242 -31.52 -2.37 -1.76
C SER B 242 -32.62 -3.44 -1.69
N ASP B 260 -28.61 -4.67 -8.65
CA ASP B 260 -27.64 -3.86 -7.94
C ASP B 260 -27.76 -4.02 -6.43
N SER B 261 -26.63 -4.01 -5.74
CA SER B 261 -26.61 -4.09 -4.28
C SER B 261 -26.19 -2.73 -3.72
N GLN B 262 -26.93 -2.23 -2.73
CA GLN B 262 -26.63 -0.98 -2.05
C GLN B 262 -26.46 -1.26 -0.57
N PHE B 263 -25.51 -0.57 0.07
CA PHE B 263 -25.24 -0.78 1.49
C PHE B 263 -25.09 0.52 2.21
N LEU B 264 -25.48 0.54 3.46
CA LEU B 264 -25.28 1.71 4.32
C LEU B 264 -24.17 1.32 5.29
N HIS B 265 -23.16 2.18 5.44
CA HIS B 265 -22.00 1.88 6.28
C HIS B 265 -21.84 2.84 7.44
N LEU B 266 -21.21 2.36 8.53
CA LEU B 266 -20.90 3.16 9.70
C LEU B 266 -19.59 2.67 10.32
N LEU B 267 -18.65 3.61 10.59
CA LEU B 267 -17.40 3.32 11.30
C LEU B 267 -17.53 4.05 12.62
N ARG B 268 -17.27 3.35 13.72
CA ARG B 268 -17.34 3.93 15.04
C ARG B 268 -16.26 3.35 15.94
N LEU B 269 -15.92 4.04 17.02
CA LEU B 269 -14.90 3.57 17.95
C LEU B 269 -15.44 2.43 18.77
N SER B 270 -14.69 1.31 18.83
CA SER B 270 -15.07 0.05 19.50
C SER B 270 -15.59 0.22 20.91
N GLY B 271 -15.12 1.23 21.62
CA GLY B 271 -15.56 1.49 22.98
C GLY B 271 -16.91 2.16 23.12
N ASP B 272 -16.88 3.50 23.31
CA ASP B 272 -18.05 4.35 23.49
C ASP B 272 -19.02 4.39 22.28
N GLY B 273 -18.53 4.01 21.11
CA GLY B 273 -19.35 4.03 19.92
C GLY B 273 -19.36 5.37 19.18
N GLN B 274 -18.37 6.23 19.46
CA GLN B 274 -18.23 7.52 18.80
C GLN B 274 -18.05 7.36 17.28
N GLU B 275 -18.86 8.05 16.50
CA GLU B 275 -18.82 7.99 15.05
C GLU B 275 -17.59 8.65 14.44
N ILE B 276 -16.96 7.97 13.48
CA ILE B 276 -15.82 8.53 12.78
C ILE B 276 -16.14 8.69 11.28
N ASN B 277 -16.99 7.79 10.71
CA ASN B 277 -17.36 7.82 9.31
C ASN B 277 -18.71 7.22 9.05
N ARG B 278 -19.36 7.70 7.98
CA ARG B 278 -20.56 7.09 7.44
C ARG B 278 -20.47 7.11 5.88
N GLY B 279 -21.03 6.10 5.25
CA GLY B 279 -20.98 5.99 3.81
C GLY B 279 -21.99 5.07 3.19
N THR B 280 -21.95 5.02 1.87
CA THR B 280 -22.78 4.17 1.02
C THR B 280 -21.92 3.59 -0.10
N THR B 281 -22.20 2.35 -0.49
CA THR B 281 -21.56 1.74 -1.64
C THR B 281 -22.64 1.18 -2.61
N LEU B 282 -22.34 1.19 -3.91
CA LEU B 282 -23.21 0.64 -4.94
C LEU B 282 -22.37 -0.41 -5.66
N TRP B 283 -22.89 -1.64 -5.76
CA TRP B 283 -22.17 -2.75 -6.39
C TRP B 283 -23.00 -3.32 -7.51
N ARG B 284 -22.34 -3.68 -8.63
CA ARG B 284 -22.95 -4.29 -9.84
C ARG B 284 -22.57 -5.78 -9.95
N LYS B 285 -23.49 -6.67 -10.38
CA LYS B 285 -23.15 -8.09 -10.60
C LYS B 285 -22.07 -8.20 -11.69
N LYS B 286 -21.04 -9.05 -11.45
CA LYS B 286 -19.91 -9.23 -12.36
C LYS B 286 -20.31 -9.76 -13.74
C11 6XI C . 8.99 -11.32 0.88
C12 6XI C . 8.93 -11.91 -0.32
O01 6XI C . 6.08 -13.37 -3.52
C02 6XI C . 6.70 -12.49 -2.77
C03 6XI C . 7.84 -11.77 -3.37
C04 6XI C . 8.84 -11.11 -2.68
C05 6XI C . 9.85 -10.58 -3.54
C06 6XI C . 9.63 -10.98 -4.82
S07 6XI C . 8.09 -11.66 -5.06
N08 6XI C . 8.88 -10.92 -1.31
C09 6XI C . 8.88 -9.68 -0.64
C10 6XI C . 8.94 -9.93 0.68
O13 6XI C . 6.42 -12.26 -1.62
S SO4 D . 12.28 -17.13 -8.09
O1 SO4 D . 13.44 -17.33 -7.23
O2 SO4 D . 12.36 -15.82 -8.74
O3 SO4 D . 12.15 -18.18 -9.13
O4 SO4 D . 11.07 -17.16 -7.23
C11 6XI E . -9.68 10.53 1.05
C12 6XI E . -8.96 11.66 0.91
O01 6XI E . -5.30 13.89 2.24
C02 6XI E . -5.97 12.93 1.63
C03 6XI E . -6.15 13.02 0.17
C04 6XI E . -7.12 12.39 -0.60
C05 6XI E . -7.07 12.75 -1.97
C06 6XI E . -6.19 13.76 -2.14
S07 6XI E . -5.13 13.96 -0.83
N08 6XI E . -8.04 11.46 -0.12
C09 6XI E . -8.23 10.17 -0.61
C10 6XI E . -9.22 9.60 0.11
O13 6XI E . -6.45 11.99 2.20
S SO4 F . -7.29 20.85 -2.07
O1 SO4 F . -6.81 19.54 -1.64
O2 SO4 F . -6.72 21.20 -3.37
O3 SO4 F . -8.77 20.78 -2.09
O4 SO4 F . -6.89 21.96 -1.18
#